data_6DKG
#
_entry.id   6DKG
#
_cell.length_a   112.280
_cell.length_b   45.490
_cell.length_c   78.540
_cell.angle_alpha   90.00
_cell.angle_beta   125.97
_cell.angle_gamma   90.00
#
_symmetry.space_group_name_H-M   'C 1 2 1'
#
loop_
_entity.id
_entity.type
_entity.pdbx_description
1 polymer 'High affinity nerve growth factor receptor'
2 non-polymer 5-phenylthieno[2,3-d]pyrimidin-4(3H)-one
3 non-polymer 2-{[(3R,4S)-3-fluoro-1-{[4-(trifluoromethoxy)phenyl]acetyl}piperidin-4-yl]oxy}-4-(2-hydroxy-2-methylpropoxy)benzamide
4 water water
#
_entity_poly.entity_id   1
_entity_poly.type   'polypeptide(L)'
_entity_poly.pdbx_seq_one_letter_code
;GSTEGKGSGLQGHIIENPQYFSDACVHHIKRRDIVLKWELGEGAFGKVFLAECHNLLPEQDKMLVAVKALKEASESARQD
FQREAELLTMLQHQHIVRFFGVCTEGRPLLMVFEYMRHGDLNRFLRSHGPDAKLLAGGEDVAPGPLGLGQLLAVASQVAA
GMVYLAGLHFVHRDLATRNCLVGQGLVVKIGDFGMSRDIYSTDYYRVGGRTMLPIRWMPPESILYRKFTTESDVWSFGVV
LWEIFTYGKQPWYQLSNTEAIDCITQGRELERPRACPPEVYAIMRGCWQREPQQRHSIKDVHARLQALAQAPPVYLDVLG
;
_entity_poly.pdbx_strand_id   A
#
loop_
_chem_comp.id
_chem_comp.type
_chem_comp.name
_chem_comp.formula
22L non-polymer 5-phenylthieno[2,3-d]pyrimidin-4(3H)-one 'C12 H8 N2 O S'
GO7 non-polymer 2-{[(3R,4S)-3-fluoro-1-{[4-(trifluoromethoxy)phenyl]acetyl}piperidin-4-yl]oxy}-4-(2-hydroxy-2-methylpropoxy)benzamide 'C25 H28 F4 N2 O6'
#
# COMPACT_ATOMS: atom_id res chain seq x y z
N ALA A 24 -10.30 18.68 -4.20
CA ALA A 24 -11.15 19.86 -3.94
C ALA A 24 -12.55 19.69 -4.56
N CYS A 25 -12.69 19.94 -5.90
CA CYS A 25 -13.97 19.77 -6.59
C CYS A 25 -13.96 18.40 -7.26
N VAL A 26 -14.64 17.46 -6.58
CA VAL A 26 -14.78 16.04 -6.90
C VAL A 26 -15.53 15.82 -8.21
N HIS A 27 -15.01 14.91 -9.06
CA HIS A 27 -15.68 14.57 -10.30
C HIS A 27 -16.92 13.70 -10.04
N HIS A 28 -18.00 13.94 -10.80
CA HIS A 28 -19.25 13.19 -10.71
C HIS A 28 -19.53 12.38 -11.95
N ILE A 29 -19.64 11.06 -11.74
CA ILE A 29 -19.90 10.11 -12.80
C ILE A 29 -21.37 9.74 -12.74
N LYS A 30 -22.04 9.73 -13.91
CA LYS A 30 -23.45 9.37 -14.05
C LYS A 30 -23.56 7.83 -13.83
N ARG A 31 -24.48 7.38 -12.95
CA ARG A 31 -24.64 5.96 -12.63
C ARG A 31 -24.64 5.05 -13.86
N ARG A 32 -25.39 5.44 -14.92
CA ARG A 32 -25.51 4.69 -16.17
C ARG A 32 -24.22 4.65 -17.00
N ASP A 33 -23.19 5.43 -16.62
CA ASP A 33 -21.87 5.39 -17.27
C ASP A 33 -21.00 4.24 -16.71
N ILE A 34 -21.44 3.67 -15.57
CA ILE A 34 -20.80 2.59 -14.86
C ILE A 34 -21.58 1.30 -15.15
N VAL A 35 -20.91 0.34 -15.78
CA VAL A 35 -21.48 -0.98 -16.06
C VAL A 35 -20.69 -1.97 -15.20
N LEU A 36 -21.35 -2.57 -14.19
CA LEU A 36 -20.73 -3.51 -13.25
C LEU A 36 -20.47 -4.85 -13.92
N LYS A 37 -19.21 -5.28 -13.93
CA LYS A 37 -18.81 -6.51 -14.64
C LYS A 37 -18.58 -7.72 -13.74
N TRP A 38 -18.13 -7.54 -12.50
CA TRP A 38 -17.80 -8.61 -11.57
C TRP A 38 -17.44 -8.03 -10.19
N GLU A 39 -17.39 -8.88 -9.17
CA GLU A 39 -17.03 -8.43 -7.84
C GLU A 39 -15.62 -8.87 -7.46
N LEU A 40 -14.73 -7.89 -7.25
CA LEU A 40 -13.34 -8.10 -6.88
C LEU A 40 -13.15 -8.48 -5.40
N GLY A 41 -14.09 -8.12 -4.55
CA GLY A 41 -14.07 -8.41 -3.12
C GLY A 41 -15.11 -7.61 -2.37
N GLU A 42 -15.17 -7.85 -1.03
CA GLU A 42 -16.11 -7.18 -0.12
C GLU A 42 -15.62 -7.11 1.33
N GLY A 43 -16.35 -6.32 2.13
CA GLY A 43 -16.15 -6.11 3.55
C GLY A 43 -17.42 -5.63 4.24
N ALA A 44 -17.26 -5.18 5.49
CA ALA A 44 -18.37 -4.65 6.28
C ALA A 44 -18.87 -3.34 5.62
N PHE A 45 -17.95 -2.58 4.98
CA PHE A 45 -18.16 -1.32 4.25
C PHE A 45 -19.09 -1.45 3.03
N GLY A 46 -19.09 -2.62 2.39
CA GLY A 46 -19.85 -2.88 1.18
C GLY A 46 -19.11 -3.78 0.21
N LYS A 47 -19.01 -3.36 -1.05
CA LYS A 47 -18.38 -4.17 -2.10
C LYS A 47 -17.45 -3.40 -3.02
N VAL A 48 -16.46 -4.12 -3.64
CA VAL A 48 -15.55 -3.58 -4.68
C VAL A 48 -15.85 -4.36 -5.97
N PHE A 49 -16.14 -3.64 -7.06
CA PHE A 49 -16.49 -4.24 -8.37
C PHE A 49 -15.49 -3.90 -9.47
N LEU A 50 -15.38 -4.77 -10.47
CA LEU A 50 -14.71 -4.51 -11.71
C LEU A 50 -15.89 -3.98 -12.52
N ALA A 51 -15.67 -2.87 -13.24
CA ALA A 51 -16.71 -2.23 -14.02
C ALA A 51 -16.13 -1.61 -15.27
N GLU A 52 -17.02 -1.35 -16.26
CA GLU A 52 -16.68 -0.64 -17.49
C GLU A 52 -17.20 0.75 -17.22
N CYS A 53 -16.45 1.78 -17.62
CA CYS A 53 -16.84 3.17 -17.39
C CYS A 53 -16.68 3.96 -18.65
N HIS A 54 -17.82 4.51 -19.10
CA HIS A 54 -17.97 5.29 -20.31
C HIS A 54 -17.80 6.75 -20.03
N ASN A 55 -17.29 7.49 -21.06
CA ASN A 55 -17.06 8.93 -21.11
C ASN A 55 -16.22 9.42 -19.95
N LEU A 56 -15.13 8.69 -19.63
CA LEU A 56 -14.28 9.07 -18.51
C LEU A 56 -12.97 9.68 -19.00
N LEU A 57 -12.18 8.89 -19.76
CA LEU A 57 -10.92 9.34 -20.35
C LEU A 57 -11.12 9.57 -21.84
N PRO A 58 -10.46 10.62 -22.41
CA PRO A 58 -10.58 10.85 -23.86
C PRO A 58 -9.93 9.74 -24.67
N GLU A 59 -10.53 9.40 -25.84
CA GLU A 59 -10.07 8.35 -26.77
C GLU A 59 -10.27 6.93 -26.18
N GLN A 60 -10.84 6.82 -24.96
CA GLN A 60 -11.15 5.57 -24.25
C GLN A 60 -12.66 5.46 -23.92
N ASP A 61 -13.51 5.33 -24.98
CA ASP A 61 -14.99 5.22 -24.95
C ASP A 61 -15.55 4.27 -23.88
N LYS A 62 -14.75 3.28 -23.52
CA LYS A 62 -15.03 2.27 -22.52
C LYS A 62 -13.66 1.87 -21.93
N MET A 63 -13.59 1.85 -20.61
CA MET A 63 -12.38 1.50 -19.88
C MET A 63 -12.74 0.78 -18.60
N LEU A 64 -11.84 -0.09 -18.14
CA LEU A 64 -12.04 -0.84 -16.91
C LEU A 64 -11.67 0.03 -15.76
N VAL A 65 -12.41 -0.11 -14.65
CA VAL A 65 -12.25 0.62 -13.40
C VAL A 65 -12.59 -0.33 -12.26
N ALA A 66 -12.25 0.04 -11.02
CA ALA A 66 -12.60 -0.67 -9.80
C ALA A 66 -13.53 0.29 -9.08
N VAL A 67 -14.68 -0.20 -8.63
CA VAL A 67 -15.72 0.60 -8.01
C VAL A 67 -15.90 0.19 -6.59
N LYS A 68 -15.68 1.12 -5.67
CA LYS A 68 -15.88 0.86 -4.25
C LYS A 68 -17.28 1.37 -3.94
N ALA A 69 -18.16 0.46 -3.53
CA ALA A 69 -19.58 0.68 -3.23
C ALA A 69 -19.79 0.60 -1.75
N LEU A 70 -20.39 1.63 -1.19
CA LEU A 70 -20.66 1.76 0.25
C LEU A 70 -22.05 1.30 0.64
N LYS A 71 -22.13 0.37 1.58
CA LYS A 71 -23.38 -0.14 2.10
C LYS A 71 -24.19 1.00 2.80
N GLU A 72 -23.59 1.65 3.82
CA GLU A 72 -24.22 2.75 4.59
C GLU A 72 -24.41 4.02 3.78
N ALA A 73 -25.68 4.48 3.65
CA ALA A 73 -26.01 5.72 2.92
C ALA A 73 -26.54 6.88 3.85
N SER A 74 -26.31 6.74 5.19
CA SER A 74 -26.68 7.72 6.22
C SER A 74 -26.01 9.11 6.02
N GLU A 75 -26.38 10.12 6.85
CA GLU A 75 -25.79 11.45 6.71
C GLU A 75 -24.32 11.49 7.12
N SER A 76 -23.93 10.79 8.20
CA SER A 76 -22.54 10.70 8.64
C SER A 76 -21.70 9.91 7.63
N ALA A 77 -22.31 8.91 6.97
CA ALA A 77 -21.66 8.06 5.95
C ALA A 77 -21.45 8.86 4.66
N ARG A 78 -22.40 9.76 4.32
CA ARG A 78 -22.33 10.61 3.12
C ARG A 78 -21.30 11.72 3.28
N GLN A 79 -21.17 12.28 4.51
CA GLN A 79 -20.23 13.35 4.85
C GLN A 79 -18.79 12.82 4.90
N ASP A 80 -18.58 11.65 5.53
CA ASP A 80 -17.25 11.02 5.61
C ASP A 80 -16.76 10.65 4.20
N PHE A 81 -17.70 10.25 3.32
CA PHE A 81 -17.48 9.89 1.93
C PHE A 81 -16.92 11.10 1.15
N GLN A 82 -17.60 12.27 1.25
CA GLN A 82 -17.22 13.51 0.58
C GLN A 82 -15.84 13.98 1.04
N ARG A 83 -15.58 13.88 2.35
CA ARG A 83 -14.30 14.20 2.97
C ARG A 83 -13.19 13.36 2.30
N GLU A 84 -13.38 12.03 2.27
CA GLU A 84 -12.51 11.03 1.66
C GLU A 84 -12.31 11.26 0.14
N ALA A 85 -13.40 11.48 -0.62
CA ALA A 85 -13.43 11.72 -2.06
C ALA A 85 -12.63 12.98 -2.43
N GLU A 86 -12.74 14.04 -1.60
CA GLU A 86 -12.01 15.30 -1.75
C GLU A 86 -10.55 15.09 -1.52
N LEU A 87 -10.19 14.25 -0.54
CA LEU A 87 -8.80 13.93 -0.21
C LEU A 87 -8.15 13.08 -1.33
N LEU A 88 -8.85 12.03 -1.81
CA LEU A 88 -8.39 11.20 -2.92
C LEU A 88 -8.27 12.03 -4.20
N THR A 89 -9.04 13.13 -4.33
CA THR A 89 -8.99 14.03 -5.49
C THR A 89 -7.69 14.84 -5.46
N MET A 90 -7.21 15.21 -4.28
CA MET A 90 -5.96 15.97 -4.13
C MET A 90 -4.75 15.11 -4.44
N LEU A 91 -4.72 13.85 -3.93
CA LEU A 91 -3.61 12.90 -4.10
C LEU A 91 -3.44 12.45 -5.55
N GLN A 92 -2.59 13.17 -6.30
CA GLN A 92 -2.29 12.88 -7.71
C GLN A 92 -0.81 12.56 -7.84
N HIS A 93 -0.48 11.29 -8.13
CA HIS A 93 0.89 10.86 -8.31
C HIS A 93 0.97 9.56 -9.11
N GLN A 94 2.12 9.31 -9.79
CA GLN A 94 2.43 8.09 -10.56
C GLN A 94 2.30 6.77 -9.78
N HIS A 95 2.57 6.82 -8.47
CA HIS A 95 2.59 5.64 -7.60
C HIS A 95 1.59 5.76 -6.45
N ILE A 96 0.50 6.44 -6.76
CA ILE A 96 -0.69 6.61 -5.93
C ILE A 96 -1.83 6.22 -6.85
N VAL A 97 -2.66 5.23 -6.42
CA VAL A 97 -3.82 4.71 -7.16
C VAL A 97 -4.76 5.86 -7.54
N ARG A 98 -5.06 5.95 -8.85
CA ARG A 98 -5.88 6.99 -9.47
C ARG A 98 -7.32 7.00 -9.01
N PHE A 99 -7.79 8.19 -8.64
CA PHE A 99 -9.17 8.43 -8.24
C PHE A 99 -9.85 9.16 -9.38
N PHE A 100 -10.97 8.63 -9.88
CA PHE A 100 -11.65 9.22 -11.03
C PHE A 100 -12.90 10.00 -10.71
N GLY A 101 -13.49 9.75 -9.56
CA GLY A 101 -14.70 10.43 -9.16
C GLY A 101 -15.67 9.57 -8.40
N VAL A 102 -16.87 10.12 -8.19
CA VAL A 102 -17.94 9.51 -7.39
C VAL A 102 -19.27 9.43 -8.12
N CYS A 103 -20.15 8.59 -7.58
CA CYS A 103 -21.52 8.48 -8.00
C CYS A 103 -22.36 8.47 -6.74
N THR A 104 -23.15 9.53 -6.58
CA THR A 104 -23.99 9.75 -5.42
C THR A 104 -25.49 9.70 -5.82
N GLU A 105 -25.81 9.00 -6.92
CA GLU A 105 -27.17 8.76 -7.40
C GLU A 105 -27.75 7.59 -6.58
N GLY A 106 -28.02 7.89 -5.29
CA GLY A 106 -28.58 6.95 -4.34
C GLY A 106 -27.59 5.96 -3.78
N ARG A 107 -28.11 5.03 -2.97
CA ARG A 107 -27.38 3.96 -2.30
C ARG A 107 -27.12 2.81 -3.30
N PRO A 108 -25.90 2.23 -3.33
CA PRO A 108 -24.71 2.62 -2.58
C PRO A 108 -24.00 3.82 -3.24
N LEU A 109 -23.25 4.56 -2.40
CA LEU A 109 -22.41 5.65 -2.86
C LEU A 109 -21.21 4.93 -3.50
N LEU A 110 -20.82 5.36 -4.69
CA LEU A 110 -19.76 4.72 -5.48
C LEU A 110 -18.54 5.61 -5.65
N MET A 111 -17.35 5.02 -5.49
CA MET A 111 -16.06 5.65 -5.67
C MET A 111 -15.38 4.92 -6.81
N VAL A 112 -15.00 5.68 -7.85
CA VAL A 112 -14.39 5.10 -9.01
C VAL A 112 -12.88 5.32 -9.01
N PHE A 113 -12.14 4.22 -9.15
CA PHE A 113 -10.67 4.21 -9.18
C PHE A 113 -10.25 3.46 -10.43
N GLU A 114 -8.96 3.55 -10.78
CA GLU A 114 -8.39 2.81 -11.90
C GLU A 114 -8.32 1.35 -11.54
N TYR A 115 -8.42 0.49 -12.55
CA TYR A 115 -8.32 -0.94 -12.34
C TYR A 115 -6.85 -1.35 -12.45
N MET A 116 -6.36 -1.98 -11.39
CA MET A 116 -5.01 -2.52 -11.27
C MET A 116 -5.17 -4.02 -11.56
N ARG A 117 -4.84 -4.42 -12.80
CA ARG A 117 -5.04 -5.81 -13.29
C ARG A 117 -4.41 -6.92 -12.44
N HIS A 118 -3.29 -6.71 -11.76
CA HIS A 118 -2.66 -7.78 -10.93
C HIS A 118 -3.07 -7.82 -9.44
N GLY A 119 -3.96 -6.92 -9.00
CA GLY A 119 -4.44 -6.93 -7.63
C GLY A 119 -3.44 -6.40 -6.63
N ASP A 120 -3.61 -6.74 -5.35
CA ASP A 120 -2.74 -6.20 -4.31
C ASP A 120 -1.29 -6.77 -4.38
N LEU A 121 -0.32 -5.97 -3.95
CA LEU A 121 1.09 -6.36 -3.99
C LEU A 121 1.39 -7.61 -3.18
N ASN A 122 0.72 -7.81 -2.03
CA ASN A 122 0.96 -9.01 -1.22
C ASN A 122 0.64 -10.31 -1.97
N ARG A 123 -0.55 -10.36 -2.59
CA ARG A 123 -1.03 -11.47 -3.40
C ARG A 123 -0.09 -11.71 -4.57
N PHE A 124 0.33 -10.62 -5.26
CA PHE A 124 1.22 -10.64 -6.41
C PHE A 124 2.56 -11.22 -6.02
N LEU A 125 3.11 -10.75 -4.90
CA LEU A 125 4.41 -11.21 -4.41
C LEU A 125 4.39 -12.71 -4.17
N ARG A 126 3.40 -13.19 -3.40
CA ARG A 126 3.23 -14.60 -3.08
C ARG A 126 3.10 -15.45 -4.34
N SER A 127 2.22 -15.04 -5.29
CA SER A 127 1.95 -15.71 -6.57
C SER A 127 3.11 -15.65 -7.59
N HIS A 128 4.18 -14.89 -7.28
CA HIS A 128 5.37 -14.75 -8.13
C HIS A 128 6.58 -15.03 -7.29
N GLY A 129 6.36 -15.79 -6.22
CA GLY A 129 7.39 -16.20 -5.28
C GLY A 129 7.97 -17.55 -5.66
N PRO A 130 9.07 -17.99 -5.00
CA PRO A 130 9.64 -19.31 -5.31
C PRO A 130 8.80 -20.49 -4.82
N ASP A 131 7.64 -20.23 -4.15
CA ASP A 131 6.67 -21.23 -3.68
C ASP A 131 5.77 -21.69 -4.85
N GLY A 144 7.75 -16.57 -13.92
CA GLY A 144 7.88 -17.35 -12.69
C GLY A 144 8.22 -16.50 -11.48
N PRO A 145 9.35 -16.79 -10.76
CA PRO A 145 9.72 -15.96 -9.59
C PRO A 145 10.32 -14.60 -9.98
N LEU A 146 10.02 -13.53 -9.21
CA LEU A 146 10.56 -12.20 -9.48
C LEU A 146 12.03 -12.18 -9.13
N GLY A 147 12.85 -11.63 -10.02
CA GLY A 147 14.28 -11.52 -9.80
C GLY A 147 14.61 -10.25 -9.07
N LEU A 148 15.83 -10.15 -8.56
CA LEU A 148 16.34 -9.00 -7.81
C LEU A 148 15.93 -7.61 -8.34
N GLY A 149 16.13 -7.38 -9.63
CA GLY A 149 15.83 -6.10 -10.27
C GLY A 149 14.37 -5.72 -10.21
N GLN A 150 13.48 -6.72 -10.36
CA GLN A 150 12.04 -6.55 -10.30
C GLN A 150 11.60 -6.18 -8.89
N LEU A 151 12.24 -6.79 -7.89
CA LEU A 151 11.97 -6.55 -6.47
C LEU A 151 12.37 -5.13 -6.10
N LEU A 152 13.49 -4.65 -6.67
CA LEU A 152 14.03 -3.31 -6.46
C LEU A 152 13.14 -2.24 -7.06
N ALA A 153 12.55 -2.54 -8.23
CA ALA A 153 11.62 -1.68 -8.97
C ALA A 153 10.34 -1.47 -8.17
N VAL A 154 9.79 -2.58 -7.64
CA VAL A 154 8.61 -2.64 -6.77
C VAL A 154 8.82 -1.75 -5.54
N ALA A 155 9.94 -1.96 -4.85
CA ALA A 155 10.35 -1.28 -3.65
C ALA A 155 10.49 0.21 -3.91
N SER A 156 11.16 0.58 -5.03
CA SER A 156 11.43 1.96 -5.41
C SER A 156 10.13 2.71 -5.71
N GLN A 157 9.21 2.05 -6.45
CA GLN A 157 7.90 2.61 -6.76
C GLN A 157 7.13 2.93 -5.48
N VAL A 158 7.13 2.00 -4.49
CA VAL A 158 6.46 2.26 -3.19
C VAL A 158 7.14 3.45 -2.49
N ALA A 159 8.47 3.49 -2.48
CA ALA A 159 9.22 4.60 -1.91
C ALA A 159 8.83 5.96 -2.56
N ALA A 160 8.65 5.98 -3.90
CA ALA A 160 8.27 7.16 -4.68
C ALA A 160 6.92 7.73 -4.24
N GLY A 161 5.95 6.84 -4.07
CA GLY A 161 4.60 7.22 -3.66
C GLY A 161 4.61 7.80 -2.28
N MET A 162 5.50 7.27 -1.43
CA MET A 162 5.66 7.72 -0.04
CA MET A 162 5.66 7.74 -0.06
C MET A 162 6.34 9.09 0.04
N VAL A 163 7.28 9.39 -0.90
CA VAL A 163 7.96 10.68 -0.95
C VAL A 163 6.86 11.70 -1.22
N TYR A 164 5.98 11.40 -2.18
CA TYR A 164 4.83 12.23 -2.52
C TYR A 164 3.97 12.50 -1.28
N LEU A 165 3.58 11.44 -0.55
CA LEU A 165 2.78 11.56 0.68
C LEU A 165 3.46 12.35 1.77
N ALA A 166 4.78 12.12 1.98
CA ALA A 166 5.58 12.81 2.98
C ALA A 166 5.70 14.29 2.65
N GLY A 167 5.66 14.61 1.36
CA GLY A 167 5.73 15.98 0.87
C GLY A 167 4.52 16.79 1.26
N LEU A 168 3.35 16.14 1.28
CA LEU A 168 2.07 16.77 1.64
C LEU A 168 1.76 16.64 3.13
N HIS A 169 2.70 16.11 3.91
CA HIS A 169 2.58 15.90 5.35
C HIS A 169 1.42 14.89 5.65
N PHE A 170 1.16 13.96 4.68
CA PHE A 170 0.13 12.93 4.75
C PHE A 170 0.71 11.69 5.38
N VAL A 171 0.08 11.23 6.48
CA VAL A 171 0.50 10.02 7.20
C VAL A 171 -0.46 8.93 6.77
N HIS A 172 0.09 7.83 6.19
CA HIS A 172 -0.69 6.71 5.70
C HIS A 172 -1.31 5.90 6.85
N ARG A 173 -0.48 5.54 7.87
CA ARG A 173 -0.89 4.80 9.09
C ARG A 173 -1.05 3.30 8.87
N ASP A 174 -1.07 2.84 7.61
CA ASP A 174 -1.27 1.41 7.33
C ASP A 174 -0.51 0.95 6.09
N LEU A 175 0.74 1.37 6.00
CA LEU A 175 1.56 0.97 4.87
C LEU A 175 1.95 -0.48 5.03
N ALA A 176 1.55 -1.29 4.04
CA ALA A 176 1.77 -2.73 3.95
C ALA A 176 1.59 -3.12 2.48
N THR A 177 2.18 -4.25 2.03
CA THR A 177 2.08 -4.65 0.61
C THR A 177 0.64 -4.96 0.19
N ARG A 178 -0.21 -5.36 1.17
CA ARG A 178 -1.62 -5.65 0.99
C ARG A 178 -2.42 -4.37 0.59
N ASN A 179 -1.85 -3.17 0.83
CA ASN A 179 -2.44 -1.87 0.51
C ASN A 179 -1.74 -1.21 -0.64
N CYS A 180 -0.98 -1.99 -1.37
CA CYS A 180 -0.31 -1.51 -2.59
C CYS A 180 -0.95 -2.29 -3.72
N LEU A 181 -1.01 -1.74 -4.90
CA LEU A 181 -1.61 -2.42 -6.04
C LEU A 181 -0.67 -2.47 -7.20
N VAL A 182 -0.87 -3.49 -8.07
CA VAL A 182 0.00 -3.76 -9.22
C VAL A 182 -0.86 -3.72 -10.48
N GLY A 183 -0.47 -2.86 -11.41
CA GLY A 183 -1.19 -2.71 -12.66
C GLY A 183 -0.42 -3.20 -13.86
N GLN A 184 -0.74 -2.66 -15.04
CA GLN A 184 -0.09 -3.06 -16.28
C GLN A 184 1.35 -2.56 -16.39
N GLY A 185 2.28 -3.49 -16.52
CA GLY A 185 3.70 -3.24 -16.70
C GLY A 185 4.52 -3.31 -15.43
N LEU A 186 3.98 -4.01 -14.40
CA LEU A 186 4.56 -4.12 -13.06
C LEU A 186 4.56 -2.72 -12.41
N VAL A 187 3.58 -1.85 -12.79
CA VAL A 187 3.44 -0.51 -12.21
C VAL A 187 2.78 -0.69 -10.84
N VAL A 188 3.55 -0.40 -9.77
CA VAL A 188 3.14 -0.50 -8.37
C VAL A 188 2.73 0.87 -7.88
N LYS A 189 1.53 0.94 -7.29
CA LYS A 189 0.92 2.15 -6.73
C LYS A 189 0.42 1.89 -5.29
N ILE A 190 0.40 2.93 -4.46
CA ILE A 190 -0.09 2.84 -3.09
C ILE A 190 -1.59 3.19 -3.05
N GLY A 191 -2.35 2.34 -2.33
CA GLY A 191 -3.76 2.50 -1.98
C GLY A 191 -4.01 2.29 -0.48
N ASP A 192 -5.23 1.87 -0.13
CA ASP A 192 -5.68 1.53 1.24
C ASP A 192 -7.05 0.88 1.08
N PHE A 193 -7.13 -0.43 1.31
CA PHE A 193 -8.37 -1.18 1.19
C PHE A 193 -9.28 -0.92 2.42
N GLY A 194 -8.64 -0.67 3.56
CA GLY A 194 -9.27 -0.49 4.86
C GLY A 194 -8.85 -1.60 5.80
N TYR A 200 -7.41 -10.49 5.20
CA TYR A 200 -6.26 -9.80 5.80
C TYR A 200 -6.53 -9.33 7.26
N SER A 201 -7.57 -9.90 7.91
CA SER A 201 -7.93 -9.61 9.30
C SER A 201 -6.87 -10.15 10.32
N THR A 202 -6.02 -11.10 9.84
CA THR A 202 -4.92 -11.73 10.58
C THR A 202 -3.74 -10.75 10.73
N ASP A 203 -3.74 -9.68 9.91
CA ASP A 203 -2.73 -8.63 9.88
C ASP A 203 -3.02 -7.50 10.88
N TYR A 204 -4.19 -7.58 11.58
CA TYR A 204 -4.61 -6.58 12.57
C TYR A 204 -4.99 -7.22 13.91
N TYR A 205 -4.59 -6.58 15.02
CA TYR A 205 -4.88 -7.03 16.39
C TYR A 205 -5.62 -5.94 17.23
N ARG A 206 -6.72 -6.34 17.91
CA ARG A 206 -7.56 -5.47 18.76
C ARG A 206 -7.01 -5.40 20.19
N THR A 211 -10.38 -0.96 18.48
CA THR A 211 -9.62 -0.53 17.29
C THR A 211 -8.63 -1.62 16.85
N MET A 212 -8.65 -1.95 15.54
CA MET A 212 -7.80 -2.97 14.90
C MET A 212 -6.49 -2.37 14.36
N LEU A 213 -5.37 -2.70 15.02
CA LEU A 213 -4.05 -2.18 14.69
C LEU A 213 -3.17 -3.15 13.86
N PRO A 214 -2.49 -2.66 12.78
CA PRO A 214 -1.57 -3.55 12.02
C PRO A 214 -0.19 -3.62 12.71
N ILE A 215 -0.17 -4.08 13.99
CA ILE A 215 0.97 -4.09 14.92
C ILE A 215 2.32 -4.52 14.28
N ARG A 216 2.34 -5.56 13.42
CA ARG A 216 3.55 -6.12 12.79
C ARG A 216 4.28 -5.16 11.85
N TRP A 217 3.57 -4.14 11.35
CA TRP A 217 4.05 -3.04 10.49
C TRP A 217 4.36 -1.75 11.31
N MET A 218 3.92 -1.72 12.59
CA MET A 218 4.01 -0.58 13.51
C MET A 218 5.28 -0.51 14.36
N PRO A 219 5.90 0.70 14.49
CA PRO A 219 7.08 0.84 15.35
C PRO A 219 6.72 0.78 16.85
N PRO A 220 7.68 0.71 17.79
CA PRO A 220 7.28 0.66 19.21
C PRO A 220 6.36 1.78 19.68
N GLU A 221 6.65 3.03 19.30
CA GLU A 221 5.89 4.19 19.77
C GLU A 221 4.43 4.26 19.25
N SER A 222 4.09 3.57 18.14
CA SER A 222 2.72 3.54 17.60
C SER A 222 1.89 2.46 18.34
N ILE A 223 2.53 1.30 18.67
CA ILE A 223 1.93 0.17 19.43
C ILE A 223 1.52 0.69 20.83
N LEU A 224 2.45 1.40 21.51
CA LEU A 224 2.34 1.95 22.86
C LEU A 224 1.51 3.23 23.01
N TYR A 225 1.63 4.19 22.10
CA TYR A 225 0.96 5.47 22.25
C TYR A 225 -0.11 5.82 21.21
N ARG A 226 -0.26 4.99 20.16
CA ARG A 226 -1.20 5.18 19.06
C ARG A 226 -0.92 6.49 18.28
N LYS A 227 0.35 6.93 18.24
CA LYS A 227 0.79 8.12 17.50
C LYS A 227 1.42 7.71 16.16
N PHE A 228 0.82 8.19 15.05
CA PHE A 228 1.26 7.93 13.68
C PHE A 228 1.84 9.20 13.01
N THR A 229 3.11 9.10 12.59
CA THR A 229 3.90 10.15 11.94
C THR A 229 4.57 9.65 10.65
N THR A 230 5.29 10.54 9.91
CA THR A 230 6.03 10.17 8.70
CA THR A 230 6.03 10.16 8.71
C THR A 230 7.13 9.16 9.07
N GLU A 231 7.70 9.30 10.29
CA GLU A 231 8.74 8.46 10.85
C GLU A 231 8.20 7.04 11.12
N SER A 232 6.93 6.91 11.53
CA SER A 232 6.33 5.58 11.74
C SER A 232 5.99 4.97 10.36
N ASP A 233 5.69 5.83 9.38
CA ASP A 233 5.43 5.44 8.00
C ASP A 233 6.72 4.91 7.41
N VAL A 234 7.86 5.51 7.80
CA VAL A 234 9.20 5.05 7.40
C VAL A 234 9.46 3.63 7.96
N TRP A 235 9.14 3.40 9.26
CA TRP A 235 9.27 2.08 9.90
C TRP A 235 8.52 1.05 9.05
N SER A 236 7.24 1.35 8.74
CA SER A 236 6.35 0.53 7.94
C SER A 236 6.92 0.24 6.58
N PHE A 237 7.57 1.25 5.93
CA PHE A 237 8.23 1.08 4.65
C PHE A 237 9.31 0.01 4.75
N GLY A 238 10.07 0.01 5.86
CA GLY A 238 11.11 -0.98 6.12
C GLY A 238 10.55 -2.39 6.25
N VAL A 239 9.36 -2.53 6.89
CA VAL A 239 8.63 -3.79 6.98
C VAL A 239 8.08 -4.12 5.54
N VAL A 240 7.74 -3.09 4.74
CA VAL A 240 7.24 -3.33 3.37
C VAL A 240 8.41 -3.89 2.54
N LEU A 241 9.66 -3.47 2.81
CA LEU A 241 10.88 -3.98 2.15
C LEU A 241 11.10 -5.44 2.48
N TRP A 242 10.98 -5.77 3.75
CA TRP A 242 11.10 -7.14 4.24
C TRP A 242 10.06 -8.04 3.50
N GLU A 243 8.81 -7.57 3.38
CA GLU A 243 7.71 -8.26 2.71
C GLU A 243 8.05 -8.51 1.26
N ILE A 244 8.58 -7.49 0.56
CA ILE A 244 9.01 -7.59 -0.82
C ILE A 244 10.02 -8.73 -1.00
N PHE A 245 11.13 -8.74 -0.20
CA PHE A 245 12.22 -9.71 -0.29
C PHE A 245 11.94 -11.10 0.35
N THR A 246 10.78 -11.27 1.00
CA THR A 246 10.32 -12.56 1.50
C THR A 246 9.20 -13.07 0.59
N TYR A 247 8.85 -12.30 -0.48
CA TYR A 247 7.75 -12.60 -1.41
C TYR A 247 6.38 -12.64 -0.70
N GLY A 248 6.11 -11.60 0.07
CA GLY A 248 4.85 -11.39 0.76
C GLY A 248 4.62 -12.16 2.04
N LYS A 249 5.67 -12.70 2.67
CA LYS A 249 5.52 -13.42 3.92
C LYS A 249 5.15 -12.45 5.03
N GLN A 250 4.40 -12.94 6.03
CA GLN A 250 4.02 -12.09 7.14
C GLN A 250 5.19 -11.81 8.07
N PRO A 251 5.45 -10.52 8.41
CA PRO A 251 6.53 -10.25 9.38
C PRO A 251 6.18 -10.92 10.70
N TRP A 252 7.13 -11.63 11.33
CA TRP A 252 6.91 -12.36 12.59
C TRP A 252 5.86 -13.50 12.47
N TYR A 253 5.82 -14.19 11.32
CA TYR A 253 4.87 -15.27 11.03
C TYR A 253 4.95 -16.47 11.99
N GLN A 254 6.09 -16.66 12.65
CA GLN A 254 6.31 -17.73 13.62
C GLN A 254 5.58 -17.41 14.94
N LEU A 255 5.30 -16.11 15.15
CA LEU A 255 4.70 -15.58 16.36
C LEU A 255 3.27 -15.09 16.23
N SER A 256 2.57 -15.11 17.36
CA SER A 256 1.21 -14.62 17.52
C SER A 256 1.27 -13.08 17.63
N ASN A 257 0.13 -12.40 17.44
CA ASN A 257 0.01 -10.93 17.52
C ASN A 257 0.60 -10.33 18.79
N THR A 258 0.31 -10.95 19.94
CA THR A 258 0.72 -10.56 21.28
C THR A 258 2.26 -10.85 21.49
N GLU A 259 2.80 -11.90 20.83
CA GLU A 259 4.25 -12.24 20.87
C GLU A 259 5.06 -11.29 20.01
N ALA A 260 4.51 -10.86 18.85
CA ALA A 260 5.13 -9.91 17.92
C ALA A 260 5.28 -8.52 18.56
N ILE A 261 4.29 -8.10 19.41
CA ILE A 261 4.31 -6.83 20.15
C ILE A 261 5.57 -6.81 21.04
N ASP A 262 5.84 -7.92 21.74
CA ASP A 262 7.01 -8.13 22.61
C ASP A 262 8.31 -7.97 21.83
N CYS A 263 8.42 -8.61 20.64
CA CYS A 263 9.57 -8.53 19.74
C CYS A 263 9.89 -7.08 19.39
N ILE A 264 8.90 -6.37 18.82
CA ILE A 264 8.99 -4.97 18.39
C ILE A 264 9.31 -4.02 19.55
N THR A 265 8.61 -4.15 20.70
CA THR A 265 8.83 -3.28 21.86
C THR A 265 10.16 -3.57 22.61
N GLN A 266 10.81 -4.73 22.35
CA GLN A 266 12.09 -5.08 22.98
C GLN A 266 13.26 -4.84 22.03
N GLY A 267 12.97 -4.22 20.89
CA GLY A 267 13.97 -3.90 19.87
C GLY A 267 14.49 -5.07 19.04
N ARG A 268 13.76 -6.21 19.05
CA ARG A 268 14.07 -7.40 18.24
C ARG A 268 13.76 -7.08 16.76
N GLU A 269 14.74 -7.26 15.87
CA GLU A 269 14.62 -6.93 14.44
C GLU A 269 14.31 -8.13 13.58
N LEU A 270 13.52 -7.91 12.49
CA LEU A 270 13.25 -8.96 11.50
C LEU A 270 14.57 -9.37 10.83
N GLU A 271 14.77 -10.67 10.61
CA GLU A 271 16.00 -11.17 9.99
C GLU A 271 16.06 -10.80 8.50
N ARG A 272 17.28 -10.78 7.90
CA ARG A 272 17.50 -10.46 6.51
C ARG A 272 16.95 -11.58 5.63
N PRO A 273 15.90 -11.28 4.81
CA PRO A 273 15.41 -12.30 3.88
C PRO A 273 16.53 -12.80 2.96
N ARG A 274 16.55 -14.10 2.68
CA ARG A 274 17.51 -14.80 1.80
C ARG A 274 17.65 -14.13 0.41
N ALA A 275 16.56 -13.57 -0.16
CA ALA A 275 16.55 -12.90 -1.46
C ALA A 275 17.01 -11.45 -1.37
N CYS A 276 17.18 -10.94 -0.15
CA CYS A 276 17.60 -9.58 0.13
C CYS A 276 19.11 -9.44 0.17
N PRO A 277 19.71 -8.60 -0.74
CA PRO A 277 21.15 -8.33 -0.65
C PRO A 277 21.43 -7.50 0.60
N PRO A 278 22.65 -7.59 1.18
CA PRO A 278 22.94 -6.79 2.39
C PRO A 278 22.73 -5.28 2.25
N GLU A 279 22.96 -4.72 1.04
CA GLU A 279 22.78 -3.29 0.73
C GLU A 279 21.35 -2.82 0.99
N VAL A 280 20.37 -3.72 0.76
CA VAL A 280 18.94 -3.45 0.97
C VAL A 280 18.62 -3.66 2.45
N TYR A 281 19.20 -4.68 3.07
CA TYR A 281 18.97 -4.90 4.51
C TYR A 281 19.42 -3.70 5.32
N ALA A 282 20.52 -3.05 4.88
CA ALA A 282 21.07 -1.82 5.44
C ALA A 282 20.00 -0.72 5.44
N ILE A 283 19.25 -0.61 4.30
CA ILE A 283 18.13 0.32 4.10
C ILE A 283 17.00 -0.02 5.08
N MET A 284 16.63 -1.31 5.23
CA MET A 284 15.59 -1.76 6.19
C MET A 284 15.91 -1.37 7.63
N ARG A 285 17.15 -1.65 8.06
CA ARG A 285 17.63 -1.33 9.41
C ARG A 285 17.53 0.15 9.71
N GLY A 286 17.87 1.01 8.72
CA GLY A 286 17.75 2.45 8.85
C GLY A 286 16.32 2.92 9.07
N CYS A 287 15.33 2.16 8.52
CA CYS A 287 13.89 2.45 8.65
C CYS A 287 13.43 2.04 10.04
N TRP A 288 14.11 1.05 10.63
CA TRP A 288 13.79 0.43 11.93
C TRP A 288 14.53 0.94 13.16
N GLN A 289 15.11 2.14 13.10
CA GLN A 289 15.79 2.75 14.24
C GLN A 289 14.76 2.93 15.34
N ARG A 290 15.05 2.45 16.57
CA ARG A 290 14.08 2.50 17.68
C ARG A 290 13.50 3.89 17.92
N GLU A 291 14.36 4.93 17.81
CA GLU A 291 13.99 6.32 17.97
C GLU A 291 13.51 6.92 16.64
N PRO A 292 12.25 7.44 16.58
CA PRO A 292 11.76 8.04 15.32
C PRO A 292 12.68 9.10 14.69
N GLN A 293 13.30 9.95 15.53
CA GLN A 293 14.23 11.00 15.10
C GLN A 293 15.52 10.48 14.47
N GLN A 294 15.83 9.19 14.65
CA GLN A 294 17.05 8.59 14.12
C GLN A 294 16.84 7.74 12.84
N ARG A 295 15.57 7.49 12.45
CA ARG A 295 15.21 6.77 11.24
C ARG A 295 15.53 7.64 10.04
N HIS A 296 15.87 7.03 8.89
CA HIS A 296 16.15 7.77 7.66
C HIS A 296 14.87 8.43 7.15
N SER A 297 14.99 9.50 6.37
CA SER A 297 13.82 10.10 5.78
C SER A 297 13.48 9.25 4.54
N ILE A 298 12.22 9.27 4.11
CA ILE A 298 11.79 8.52 2.94
C ILE A 298 12.46 8.99 1.63
N LYS A 299 12.77 10.30 1.52
CA LYS A 299 13.41 10.89 0.33
C LYS A 299 14.77 10.24 0.13
N ASP A 300 15.52 10.07 1.24
CA ASP A 300 16.82 9.43 1.28
C ASP A 300 16.70 7.95 0.92
N VAL A 301 15.73 7.21 1.57
CA VAL A 301 15.42 5.79 1.38
C VAL A 301 15.12 5.58 -0.11
N HIS A 302 14.30 6.46 -0.68
CA HIS A 302 13.94 6.38 -2.07
C HIS A 302 15.18 6.52 -2.94
N ALA A 303 16.00 7.58 -2.69
CA ALA A 303 17.27 7.86 -3.41
C ALA A 303 18.21 6.65 -3.44
N ARG A 304 18.37 5.97 -2.28
CA ARG A 304 19.21 4.78 -2.19
C ARG A 304 18.63 3.61 -2.97
N LEU A 305 17.29 3.45 -2.96
CA LEU A 305 16.58 2.37 -3.69
C LEU A 305 16.53 2.59 -5.20
N GLN A 306 16.38 3.84 -5.62
CA GLN A 306 16.33 4.28 -7.01
C GLN A 306 17.72 4.04 -7.64
N ALA A 307 18.78 4.27 -6.85
CA ALA A 307 20.17 4.05 -7.24
C ALA A 307 20.43 2.56 -7.40
N LEU A 308 19.96 1.75 -6.44
CA LEU A 308 20.11 0.30 -6.51
C LEU A 308 19.29 -0.26 -7.67
N ALA A 309 18.07 0.25 -7.93
CA ALA A 309 17.20 -0.19 -9.01
C ALA A 309 17.83 -0.03 -10.41
N GLN A 310 18.58 1.08 -10.65
CA GLN A 310 19.27 1.30 -11.93
C GLN A 310 20.49 0.39 -12.10
N ALA A 311 21.34 0.28 -11.06
CA ALA A 311 22.55 -0.55 -11.06
C ALA A 311 22.48 -1.58 -9.92
N PRO A 312 21.75 -2.72 -10.12
CA PRO A 312 21.56 -3.68 -9.02
C PRO A 312 22.82 -4.42 -8.53
N PRO A 313 22.94 -4.64 -7.19
CA PRO A 313 24.13 -5.37 -6.68
C PRO A 313 24.18 -6.78 -7.26
N VAL A 314 25.38 -7.33 -7.50
CA VAL A 314 25.43 -8.68 -8.03
C VAL A 314 25.23 -9.60 -6.84
N TYR A 315 23.98 -9.99 -6.64
CA TYR A 315 23.62 -10.82 -5.50
C TYR A 315 22.72 -11.94 -5.96
N LEU A 316 23.10 -13.16 -5.55
CA LEU A 316 22.39 -14.39 -5.85
C LEU A 316 21.92 -14.96 -4.53
N ASP A 317 20.58 -15.00 -4.34
CA ASP A 317 19.91 -15.46 -3.12
C ASP A 317 20.32 -16.85 -2.66
N VAL A 318 20.57 -17.73 -3.64
CA VAL A 318 21.00 -19.11 -3.53
C VAL A 318 22.36 -19.26 -2.80
N LEU A 319 23.21 -18.21 -2.88
CA LEU A 319 24.53 -18.15 -2.25
C LEU A 319 24.50 -17.42 -0.91
N GLY A 320 23.71 -16.34 -0.83
CA GLY A 320 23.48 -15.57 0.37
C GLY A 320 24.55 -14.55 0.71
C1 22L B . -21.31 -8.03 -11.15
C2 22L B . -21.44 -8.92 -12.21
C3 22L B . -21.35 -10.27 -11.98
C7 22L B . -21.08 -12.23 -10.50
C8 22L B . -21.98 -13.04 -11.09
C10 22L B . -20.41 -14.33 -9.78
C11 22L B . -20.15 -12.98 -9.75
C12 22L B . -19.02 -12.53 -8.98
C15 22L B . -18.69 -14.84 -8.41
C4 22L B . -21.14 -10.78 -10.71
C5 22L B . -21.02 -9.88 -9.65
C6 22L B . -21.10 -8.52 -9.88
S9 22L B . -21.82 -14.69 -10.72
O13 22L B . -18.54 -11.40 -8.97
N14 22L B . -18.37 -13.53 -8.32
N16 22L B . -19.68 -15.34 -9.11
H1 22L B . -21.37 -6.96 -11.34
H2 22L B . -21.63 -8.57 -13.22
H3 22L B . -21.43 -10.99 -12.80
H4 22L B . -22.76 -12.77 -11.80
H5 22L B . -18.04 -15.55 -7.88
H6 22L B . -20.87 -10.25 -8.63
H7 22L B . -20.95 -7.84 -9.05
H8 22L B . -17.62 -13.26 -7.70
C4 GO7 C . -8.29 -4.74 -7.40
C20 GO7 C . -7.32 4.59 -1.16
C16 GO7 C . -6.59 4.93 -3.43
C5 GO7 C . -8.56 -5.76 -6.50
C19 GO7 C . -6.40 5.51 -0.73
C17 GO7 C . -5.65 5.86 -2.99
C1 GO7 C . -9.57 -4.16 -5.04
C3 GO7 C . -8.66 -3.44 -7.14
C15 GO7 C . -7.42 4.29 -2.50
C18 GO7 C . -5.55 6.13 -1.63
C6 GO7 C . -9.20 -5.46 -5.31
C2 GO7 C . -9.29 -3.13 -5.94
C8 GO7 C . -8.32 -2.41 -8.17
C13 GO7 C . -7.88 1.88 -2.65
C12 GO7 C . -8.34 -1.23 -3.78
C11 GO7 C . -8.40 -0.50 -2.44
C10 GO7 C . -10.16 0.92 -3.31
C7 GO7 C . -9.71 -1.27 -4.42
C9 GO7 C . -10.21 0.15 -4.59
C25 GO7 C . -10.25 -8.64 -2.64
C24 GO7 C . -8.18 -7.55 -1.90
C14 GO7 C . -8.40 3.26 -2.92
C22 GO7 C . -8.73 -7.61 -4.35
C23 GO7 C . -8.81 -8.36 -3.01
C21 GO7 C . -3.51 6.49 -0.47
N2 GO7 C . -8.84 0.85 -2.67
N1 GO7 C . -8.28 -1.07 -7.83
O2 GO7 C . -8.08 -2.80 -9.31
O3 GO7 C . -6.70 1.67 -2.45
O6 GO7 C . -8.12 -9.60 -3.15
O1 GO7 C . -9.67 -1.80 -5.74
O4 GO7 C . -9.54 -6.40 -4.34
O5 GO7 C . -4.62 7.07 -1.19
F4 GO7 C . -9.42 0.80 -5.49
F3 GO7 C . -3.80 5.54 0.45
F2 GO7 C . -2.93 7.44 0.28
F1 GO7 C . -2.60 5.98 -1.32
H1 GO7 C . -7.77 -5.00 -8.32
H2 GO7 C . -7.98 4.10 -0.44
H3 GO7 C . -6.66 4.68 -4.47
H4 GO7 C . -8.25 -6.78 -6.75
H5 GO7 C . -6.34 5.74 0.33
H6 GO7 C . -5.01 6.34 -3.71
H7 GO7 C . -10.09 -3.98 -4.11
H8 GO7 C . -7.63 -0.74 -4.44
H9 GO7 C . -8.00 -2.24 -3.62
H11 GO7 C . -7.42 -0.52 -1.94
H10 GO7 C . -9.13 -0.98 -1.78
H13 GO7 C . -10.86 0.47 -2.60
H12 GO7 C . -10.47 1.94 -3.47
H14 GO7 C . -10.42 -1.82 -3.79
H15 GO7 C . -11.23 0.13 -4.99
H16 GO7 C . -10.67 -9.36 -3.33
H18 GO7 C . -10.84 -7.73 -2.63
H17 GO7 C . -10.28 -9.08 -1.63
H20 GO7 C . -8.22 -8.10 -0.95
H21 GO7 C . -8.76 -6.64 -1.77
H19 GO7 C . -7.14 -7.30 -2.12
H22 GO7 C . -9.33 3.42 -2.37
H23 GO7 C . -8.58 3.33 -3.99
H25 GO7 C . -9.11 -8.27 -5.15
H24 GO7 C . -7.69 -7.38 -4.56
H27 GO7 C . -8.04 -0.36 -8.52
H26 GO7 C . -8.47 -0.74 -6.90
H28 GO7 C . -8.19 -10.06 -2.28
#